data_8AZE
#
_entry.id   8AZE
#
_cell.length_a   81.846
_cell.length_b   111.849
_cell.length_c   62.305
_cell.angle_alpha   90.00
_cell.angle_beta   90.00
_cell.angle_gamma   90.00
#
_symmetry.space_group_name_H-M   'C 2 2 21'
#
loop_
_entity.id
_entity.type
_entity.pdbx_description
1 polymer '14-3-3 protein sigma'
2 polymer 'ERalpha peptide'
3 non-polymer 'MAGNESIUM ION'
4 non-polymer 2-chloranyl-~{N}-[[1-[1-[(4-chlorophenyl)amino]cyclopentyl]carbonylpiperidin-4-yl]methyl]ethanamide
5 water water
#
loop_
_entity_poly.entity_id
_entity_poly.type
_entity_poly.pdbx_seq_one_letter_code
_entity_poly.pdbx_strand_id
1 'polypeptide(L)'
;GAMGSMERASLIQKAKLAEQAERYEDMAAFMKGAVEKGEELSCEERNLLSVAYKNVVGGQRAAWRVLSSIEQKSNEEGSE
EKGPEVREYREKVETELQGVCDTVLGLLDSHLIKEAGDAESRVFYLKMKGDYYRYLAEVATGDDKKRIIDSARSAYQEAM
DISKKEMPPTNPIRLGLALNFSVFHYEIANSPEEAISLAKTTFDEAMADLHTLSEDSYKDSTLIMQLLRDNLTLWT
;
A
2 'polypeptide(L)' FPA(TPO)V B
#
loop_
_chem_comp.id
_chem_comp.type
_chem_comp.name
_chem_comp.formula
MG non-polymer 'MAGNESIUM ION' 'Mg 2'
O5I non-polymer 2-chloranyl-~{N}-[[1-[1-[(4-chlorophenyl)amino]cyclopentyl]carbonylpiperidin-4-yl]methyl]ethanamide 'C20 H27 Cl2 N3 O2'
#
# COMPACT_ATOMS: atom_id res chain seq x y z
N GLY A 1 8.47 -2.84 -22.31
CA GLY A 1 7.08 -2.59 -22.79
C GLY A 1 6.99 -1.35 -23.66
N ALA A 2 5.87 -0.63 -23.56
CA ALA A 2 5.67 0.62 -24.29
C ALA A 2 6.68 1.71 -23.90
N MET A 3 7.36 1.53 -22.75
CA MET A 3 8.37 2.49 -22.32
C MET A 3 9.79 2.06 -22.61
N GLY A 4 9.96 0.96 -23.34
CA GLY A 4 11.28 0.41 -23.61
C GLY A 4 12.23 1.33 -24.37
N SER A 5 11.65 2.19 -25.21
CA SER A 5 12.43 3.11 -26.01
C SER A 5 12.76 4.42 -25.32
N MET A 6 12.18 4.68 -24.14
CA MET A 6 12.46 5.92 -23.44
C MET A 6 13.58 5.77 -22.40
N GLU A 7 14.48 6.77 -22.35
CA GLU A 7 15.53 6.81 -21.37
C GLU A 7 14.97 6.71 -19.96
N ARG A 8 15.70 5.98 -19.11
CA ARG A 8 15.37 5.89 -17.67
C ARG A 8 15.23 7.30 -17.08
N ALA A 9 16.19 8.19 -17.32
CA ALA A 9 16.15 9.52 -16.69
C ALA A 9 14.93 10.31 -17.16
N SER A 10 14.55 10.10 -18.43
CA SER A 10 13.37 10.75 -19.00
C SER A 10 12.07 10.21 -18.38
N LEU A 11 12.01 8.91 -18.11
CA LEU A 11 10.86 8.31 -17.43
C LEU A 11 10.70 8.90 -16.03
N ILE A 12 11.79 9.02 -15.29
CA ILE A 12 11.73 9.58 -13.95
C ILE A 12 11.28 11.04 -14.02
N GLN A 13 11.85 11.80 -14.94
CA GLN A 13 11.49 13.19 -15.08
C GLN A 13 9.99 13.33 -15.42
N LYS A 14 9.50 12.48 -16.33
CA LYS A 14 8.10 12.52 -16.70
C LYS A 14 7.19 12.07 -15.58
N ALA A 15 7.63 11.10 -14.77
CA ALA A 15 6.85 10.71 -13.59
C ALA A 15 6.65 11.92 -12.67
N LYS A 16 7.69 12.74 -12.51
CA LYS A 16 7.62 13.92 -11.65
C LYS A 16 6.65 14.93 -12.23
N LEU A 17 6.72 15.13 -13.56
CA LEU A 17 5.78 16.02 -14.25
C LEU A 17 4.34 15.53 -14.09
N ALA A 18 4.13 14.22 -14.25
CA ALA A 18 2.81 13.61 -14.17
C ALA A 18 2.25 13.80 -12.76
N GLU A 19 3.10 13.64 -11.74
CA GLU A 19 2.67 13.91 -10.38
C GLU A 19 2.15 15.38 -10.27
N GLN A 20 2.92 16.34 -10.77
CA GLN A 20 2.52 17.76 -10.70
C GLN A 20 1.20 18.00 -11.41
N ALA A 21 0.98 17.28 -12.53
CA ALA A 21 -0.23 17.38 -13.33
C ALA A 21 -1.39 16.54 -12.80
N GLU A 22 -1.16 15.83 -11.70
CA GLU A 22 -2.14 14.90 -11.10
C GLU A 22 -2.62 13.83 -12.11
N ARG A 23 -1.67 13.37 -12.93
CA ARG A 23 -1.88 12.33 -13.96
C ARG A 23 -1.28 11.03 -13.44
N TYR A 24 -1.92 10.39 -12.48
CA TYR A 24 -1.30 9.29 -11.71
C TYR A 24 -1.18 8.01 -12.54
N GLU A 25 -2.11 7.76 -13.45
CA GLU A 25 -2.04 6.64 -14.37
C GLU A 25 -0.76 6.79 -15.20
N ASP A 26 -0.53 7.98 -15.77
CA ASP A 26 0.71 8.22 -16.51
C ASP A 26 1.93 8.03 -15.61
N MET A 27 1.86 8.60 -14.41
CA MET A 27 2.98 8.54 -13.46
C MET A 27 3.34 7.07 -13.19
N ALA A 28 2.32 6.24 -13.01
CA ALA A 28 2.52 4.82 -12.73
C ALA A 28 3.15 4.13 -13.94
N ALA A 29 2.66 4.44 -15.14
CA ALA A 29 3.23 3.86 -16.35
C ALA A 29 4.70 4.24 -16.55
N PHE A 30 5.03 5.50 -16.28
CA PHE A 30 6.40 5.96 -16.39
C PHE A 30 7.26 5.22 -15.38
N MET A 31 6.78 5.09 -14.14
CA MET A 31 7.59 4.40 -13.13
C MET A 31 7.73 2.89 -13.36
N LYS A 32 6.69 2.24 -13.89
CA LYS A 32 6.77 0.87 -14.35
C LYS A 32 7.90 0.75 -15.38
N GLY A 33 7.91 1.66 -16.36
CA GLY A 33 8.98 1.69 -17.33
C GLY A 33 10.35 1.82 -16.71
N ALA A 34 10.46 2.72 -15.73
CA ALA A 34 11.73 2.94 -15.05
C ALA A 34 12.20 1.68 -14.31
N VAL A 35 11.28 1.04 -13.60
CA VAL A 35 11.64 -0.19 -12.92
C VAL A 35 12.13 -1.25 -13.91
N GLU A 36 11.43 -1.34 -15.05
CA GLU A 36 11.75 -2.36 -16.03
C GLU A 36 13.08 -2.14 -16.74
N LYS A 37 13.71 -0.96 -16.56
CA LYS A 37 15.09 -0.80 -16.99
C LYS A 37 16.06 -1.74 -16.28
N GLY A 38 15.66 -2.24 -15.11
CA GLY A 38 16.42 -3.27 -14.42
C GLY A 38 17.43 -2.78 -13.41
N GLU A 39 17.57 -1.46 -13.26
CA GLU A 39 18.42 -0.90 -12.24
C GLU A 39 17.64 -0.73 -10.91
N GLU A 40 18.35 -0.83 -9.78
CA GLU A 40 17.74 -0.51 -8.50
C GLU A 40 17.21 0.94 -8.51
N LEU A 41 16.21 1.20 -7.66
CA LEU A 41 15.60 2.53 -7.54
C LEU A 41 16.20 3.21 -6.32
N SER A 42 16.43 4.53 -6.44
CA SER A 42 16.80 5.37 -5.33
C SER A 42 15.60 5.57 -4.40
N CYS A 43 15.83 6.18 -3.24
CA CYS A 43 14.76 6.50 -2.33
C CYS A 43 13.69 7.38 -2.99
N GLU A 44 14.13 8.46 -3.65
CA GLU A 44 13.19 9.36 -4.33
C GLU A 44 12.36 8.59 -5.35
N GLU A 45 13.03 7.72 -6.10
CA GLU A 45 12.38 6.95 -7.17
C GLU A 45 11.38 5.92 -6.60
N ARG A 46 11.75 5.28 -5.50
CA ARG A 46 10.82 4.38 -4.76
C ARG A 46 9.58 5.16 -4.35
N ASN A 47 9.76 6.38 -3.81
CA ASN A 47 8.63 7.22 -3.46
C ASN A 47 7.73 7.52 -4.67
N LEU A 48 8.32 7.81 -5.84
CA LEU A 48 7.53 8.08 -7.02
C LEU A 48 6.69 6.87 -7.42
N LEU A 49 7.31 5.68 -7.40
CA LEU A 49 6.65 4.43 -7.70
C LEU A 49 5.44 4.23 -6.77
N SER A 50 5.67 4.39 -5.46
CA SER A 50 4.63 4.12 -4.48
C SER A 50 3.50 5.15 -4.57
N VAL A 51 3.85 6.43 -4.75
CA VAL A 51 2.84 7.49 -4.84
C VAL A 51 1.95 7.22 -6.06
N ALA A 52 2.57 6.87 -7.17
CA ALA A 52 1.83 6.66 -8.40
C ALA A 52 0.79 5.57 -8.22
N TYR A 53 1.25 4.39 -7.82
CA TYR A 53 0.35 3.21 -7.74
C TYR A 53 -0.63 3.39 -6.57
N LYS A 54 -0.22 4.07 -5.48
CA LYS A 54 -1.16 4.29 -4.37
C LYS A 54 -2.35 5.11 -4.84
N ASN A 55 -2.09 6.15 -5.64
CA ASN A 55 -3.14 6.98 -6.18
C ASN A 55 -4.04 6.23 -7.16
N VAL A 56 -3.44 5.45 -8.07
CA VAL A 56 -4.22 4.68 -9.03
C VAL A 56 -5.12 3.69 -8.32
N VAL A 57 -4.52 2.86 -7.46
CA VAL A 57 -5.31 1.83 -6.75
C VAL A 57 -6.26 2.46 -5.76
N GLY A 58 -5.90 3.62 -5.17
CA GLY A 58 -6.78 4.32 -4.27
C GLY A 58 -8.10 4.70 -4.93
N GLY A 59 -8.00 5.23 -6.15
CA GLY A 59 -9.17 5.55 -6.95
C GLY A 59 -10.04 4.33 -7.23
N GLN A 60 -9.38 3.23 -7.60
CA GLN A 60 -10.08 1.99 -7.88
C GLN A 60 -10.80 1.47 -6.65
N ARG A 61 -10.12 1.50 -5.50
CA ARG A 61 -10.69 1.01 -4.22
C ARG A 61 -11.91 1.88 -3.86
N ALA A 62 -11.82 3.19 -4.03
CA ALA A 62 -12.91 4.07 -3.70
C ALA A 62 -14.12 3.72 -4.59
N ALA A 63 -13.85 3.53 -5.88
CA ALA A 63 -14.92 3.20 -6.82
C ALA A 63 -15.54 1.84 -6.50
N TRP A 64 -14.70 0.85 -6.21
CA TRP A 64 -15.16 -0.48 -5.86
C TRP A 64 -16.10 -0.45 -4.64
N ARG A 65 -15.75 0.36 -3.63
CA ARG A 65 -16.55 0.48 -2.39
C ARG A 65 -17.93 1.09 -2.71
N VAL A 66 -17.96 2.11 -3.57
CA VAL A 66 -19.22 2.72 -3.97
C VAL A 66 -20.07 1.66 -4.65
N LEU A 67 -19.48 0.93 -5.60
CA LEU A 67 -20.19 -0.04 -6.39
C LEU A 67 -20.66 -1.26 -5.56
N SER A 68 -19.78 -1.75 -4.70
CA SER A 68 -20.12 -2.87 -3.83
C SER A 68 -21.28 -2.52 -2.93
N SER A 69 -21.29 -1.28 -2.44
CA SER A 69 -22.35 -0.76 -1.57
C SER A 69 -23.67 -0.77 -2.32
N ILE A 70 -23.66 -0.23 -3.54
CA ILE A 70 -24.88 -0.20 -4.36
C ILE A 70 -25.36 -1.62 -4.63
N GLU A 71 -24.42 -2.53 -4.89
CA GLU A 71 -24.72 -3.91 -5.24
C GLU A 71 -25.38 -4.63 -4.06
N GLN A 72 -24.81 -4.45 -2.88
CA GLN A 72 -25.34 -5.01 -1.64
C GLN A 72 -26.78 -4.55 -1.44
N LYS A 73 -26.99 -3.23 -1.55
CA LYS A 73 -28.32 -2.63 -1.39
C LYS A 73 -29.35 -3.12 -2.40
N SER A 74 -28.90 -3.39 -3.63
CA SER A 74 -29.78 -3.85 -4.71
C SER A 74 -30.18 -5.32 -4.54
N ASN A 75 -29.44 -6.06 -3.70
CA ASN A 75 -29.68 -7.49 -3.45
C ASN A 75 -30.51 -7.82 -2.21
N GLU A 76 -30.91 -6.80 -1.45
CA GLU A 76 -31.71 -6.96 -0.23
C GLU A 76 -33.22 -6.99 -0.49
N GLU A 77 -33.99 -7.34 0.54
CA GLU A 77 -35.45 -7.46 0.46
C GLU A 77 -36.14 -6.09 0.55
N GLY A 78 -37.34 -6.00 -0.04
CA GLY A 78 -38.26 -4.90 0.18
C GLY A 78 -38.04 -3.64 -0.64
N SER A 79 -37.44 -3.78 -1.83
CA SER A 79 -37.25 -2.66 -2.75
C SER A 79 -37.40 -3.10 -4.22
N GLU A 80 -36.31 -3.56 -4.85
CA GLU A 80 -36.30 -3.95 -6.26
C GLU A 80 -34.97 -4.59 -6.71
N GLU A 81 -35.07 -5.65 -7.52
CA GLU A 81 -33.93 -6.27 -8.22
C GLU A 81 -34.00 -5.82 -9.68
N LYS A 82 -32.89 -5.24 -10.17
CA LYS A 82 -32.89 -4.45 -11.41
C LYS A 82 -31.80 -4.82 -12.42
N GLY A 83 -31.40 -6.10 -12.45
CA GLY A 83 -30.54 -6.65 -13.49
C GLY A 83 -29.08 -6.86 -13.13
N PRO A 84 -28.27 -7.39 -14.07
CA PRO A 84 -26.87 -7.75 -13.80
C PRO A 84 -25.87 -6.59 -13.85
N GLU A 85 -26.32 -5.38 -14.17
CA GLU A 85 -25.41 -4.27 -14.48
C GLU A 85 -24.49 -3.84 -13.34
N VAL A 86 -25.03 -3.74 -12.12
CA VAL A 86 -24.22 -3.27 -10.98
C VAL A 86 -23.14 -4.29 -10.69
N ARG A 87 -23.50 -5.57 -10.65
CA ARG A 87 -22.51 -6.67 -10.49
C ARG A 87 -21.49 -6.63 -11.63
N GLU A 88 -21.93 -6.48 -12.88
CA GLU A 88 -21.02 -6.48 -14.01
C GLU A 88 -19.98 -5.38 -13.86
N TYR A 89 -20.45 -4.20 -13.47
CA TYR A 89 -19.59 -3.00 -13.45
C TYR A 89 -18.66 -3.08 -12.22
N ARG A 90 -19.17 -3.54 -11.09
CA ARG A 90 -18.31 -3.80 -9.91
C ARG A 90 -17.22 -4.81 -10.30
N GLU A 91 -17.59 -5.89 -11.00
CA GLU A 91 -16.63 -6.86 -11.49
C GLU A 91 -15.57 -6.26 -12.41
N LYS A 92 -15.98 -5.35 -13.28
CA LYS A 92 -15.06 -4.71 -14.21
C LYS A 92 -14.02 -3.91 -13.43
N VAL A 93 -14.49 -3.10 -12.49
CA VAL A 93 -13.59 -2.29 -11.69
C VAL A 93 -12.68 -3.20 -10.86
N GLU A 94 -13.28 -4.25 -10.27
CA GLU A 94 -12.52 -5.24 -9.49
C GLU A 94 -11.40 -5.88 -10.29
N THR A 95 -11.69 -6.25 -11.53
CA THR A 95 -10.71 -6.89 -12.38
C THR A 95 -9.57 -5.93 -12.71
N GLU A 96 -9.92 -4.66 -12.93
CA GLU A 96 -8.93 -3.65 -13.25
C GLU A 96 -8.02 -3.40 -12.04
N LEU A 97 -8.64 -3.34 -10.86
CA LEU A 97 -7.90 -3.23 -9.57
C LEU A 97 -6.96 -4.41 -9.39
N GLN A 98 -7.46 -5.62 -9.62
CA GLN A 98 -6.63 -6.80 -9.48
C GLN A 98 -5.46 -6.74 -10.43
N GLY A 99 -5.71 -6.24 -11.65
CA GLY A 99 -4.66 -6.08 -12.63
C GLY A 99 -3.54 -5.15 -12.23
N VAL A 100 -3.91 -4.02 -11.63
CA VAL A 100 -2.94 -3.07 -11.11
C VAL A 100 -2.14 -3.70 -9.96
N CYS A 101 -2.84 -4.36 -9.03
CA CYS A 101 -2.13 -5.06 -7.97
C CYS A 101 -1.15 -6.10 -8.49
N ASP A 102 -1.58 -6.91 -9.46
CA ASP A 102 -0.71 -7.92 -10.04
C ASP A 102 0.49 -7.27 -10.72
N THR A 103 0.28 -6.12 -11.36
CA THR A 103 1.38 -5.41 -12.00
C THR A 103 2.42 -4.99 -10.96
N VAL A 104 1.96 -4.39 -9.87
CA VAL A 104 2.87 -3.92 -8.84
C VAL A 104 3.61 -5.12 -8.22
N LEU A 105 2.85 -6.18 -7.90
CA LEU A 105 3.45 -7.37 -7.30
C LEU A 105 4.46 -7.98 -8.24
N GLY A 106 4.14 -7.93 -9.54
CA GLY A 106 5.07 -8.36 -10.57
C GLY A 106 6.40 -7.63 -10.58
N LEU A 107 6.34 -6.30 -10.46
CA LEU A 107 7.54 -5.48 -10.35
C LEU A 107 8.37 -5.82 -9.11
N LEU A 108 7.68 -6.02 -7.99
CA LEU A 108 8.38 -6.34 -6.75
C LEU A 108 9.05 -7.71 -6.84
N ASP A 109 8.37 -8.68 -7.49
CA ASP A 109 8.90 -10.03 -7.60
C ASP A 109 9.96 -10.17 -8.71
N SER A 110 9.93 -9.25 -9.68
CA SER A 110 10.81 -9.30 -10.84
C SER A 110 11.34 -7.91 -11.18
N HIS A 111 12.35 -7.40 -10.46
CA HIS A 111 13.12 -8.12 -9.45
C HIS A 111 13.49 -7.19 -8.29
N LEU A 112 12.58 -6.29 -7.93
CA LEU A 112 12.95 -5.24 -6.98
C LEU A 112 13.37 -5.77 -5.61
N ILE A 113 12.59 -6.71 -5.09
CA ILE A 113 12.82 -7.23 -3.75
C ILE A 113 14.17 -7.96 -3.69
N LYS A 114 14.40 -8.88 -4.63
CA LYS A 114 15.61 -9.70 -4.53
C LYS A 114 16.88 -8.87 -4.67
N GLU A 115 16.82 -7.73 -5.37
CA GLU A 115 18.00 -6.88 -5.60
C GLU A 115 18.16 -5.83 -4.49
N ALA A 116 17.19 -5.77 -3.56
CA ALA A 116 17.21 -4.79 -2.49
C ALA A 116 18.02 -5.30 -1.29
N GLY A 117 19.28 -4.85 -1.21
CA GLY A 117 20.24 -5.29 -0.21
C GLY A 117 20.13 -4.58 1.13
N ASP A 118 19.75 -3.30 1.08
CA ASP A 118 19.73 -2.48 2.27
C ASP A 118 18.39 -2.55 2.95
N ALA A 119 18.39 -2.33 4.26
CA ALA A 119 17.15 -2.39 5.02
C ALA A 119 16.09 -1.42 4.52
N GLU A 120 16.48 -0.17 4.22
CA GLU A 120 15.52 0.85 3.80
C GLU A 120 14.81 0.41 2.52
N SER A 121 15.58 -0.14 1.57
CA SER A 121 14.97 -0.52 0.31
C SER A 121 14.11 -1.79 0.47
N ARG A 122 14.67 -2.80 1.14
CA ARG A 122 13.99 -4.12 1.25
C ARG A 122 12.69 -3.97 2.06
N VAL A 123 12.74 -3.23 3.18
CA VAL A 123 11.54 -3.04 3.99
C VAL A 123 10.47 -2.30 3.18
N PHE A 124 10.88 -1.26 2.46
CA PHE A 124 9.95 -0.47 1.63
C PHE A 124 9.20 -1.40 0.65
N TYR A 125 9.94 -2.26 -0.05
CA TYR A 125 9.35 -3.14 -1.08
C TYR A 125 8.49 -4.22 -0.42
N LEU A 126 8.92 -4.78 0.70
CA LEU A 126 8.12 -5.81 1.34
C LEU A 126 6.83 -5.20 1.89
N LYS A 127 6.90 -3.97 2.42
CA LYS A 127 5.70 -3.24 2.82
C LYS A 127 4.75 -3.08 1.64
N MET A 128 5.29 -2.72 0.47
CA MET A 128 4.45 -2.58 -0.73
C MET A 128 3.81 -3.92 -1.06
N LYS A 129 4.58 -5.01 -0.97
CA LYS A 129 4.06 -6.32 -1.31
C LYS A 129 2.88 -6.66 -0.37
N GLY A 130 3.06 -6.39 0.92
CA GLY A 130 1.96 -6.53 1.87
C GLY A 130 0.74 -5.70 1.50
N ASP A 131 0.96 -4.43 1.16
CA ASP A 131 -0.09 -3.52 0.82
C ASP A 131 -0.91 -4.01 -0.39
N TYR A 132 -0.25 -4.46 -1.45
CA TYR A 132 -0.95 -4.82 -2.72
C TYR A 132 -1.63 -6.18 -2.54
N TYR A 133 -1.10 -7.10 -1.71
CA TYR A 133 -1.86 -8.31 -1.34
C TYR A 133 -3.06 -7.91 -0.47
N ARG A 134 -2.90 -6.91 0.40
CA ARG A 134 -4.03 -6.42 1.21
C ARG A 134 -5.15 -5.91 0.29
N TYR A 135 -4.81 -5.15 -0.74
CA TYR A 135 -5.85 -4.62 -1.67
C TYR A 135 -6.51 -5.80 -2.38
N LEU A 136 -5.75 -6.80 -2.80
CA LEU A 136 -6.33 -7.99 -3.39
C LEU A 136 -7.26 -8.66 -2.37
N ALA A 137 -6.84 -8.71 -1.10
CA ALA A 137 -7.65 -9.35 -0.05
C ALA A 137 -9.00 -8.64 0.13
N GLU A 138 -9.01 -7.31 0.00
CA GLU A 138 -10.20 -6.50 0.21
C GLU A 138 -11.34 -6.93 -0.72
N VAL A 139 -11.00 -7.43 -1.91
CA VAL A 139 -12.00 -7.78 -2.93
C VAL A 139 -12.13 -9.29 -3.13
N ALA A 140 -11.35 -10.07 -2.38
CA ALA A 140 -11.30 -11.52 -2.54
C ALA A 140 -12.44 -12.17 -1.77
N THR A 141 -12.89 -13.30 -2.32
CA THR A 141 -13.98 -14.12 -1.78
C THR A 141 -13.70 -15.61 -1.90
N GLY A 142 -13.45 -16.07 -3.13
CA GLY A 142 -13.39 -17.48 -3.52
C GLY A 142 -12.30 -18.33 -2.88
N ASP A 143 -11.87 -19.37 -3.60
CA ASP A 143 -10.91 -20.37 -3.11
C ASP A 143 -9.59 -19.77 -2.58
N ASP A 144 -9.51 -18.43 -2.46
CA ASP A 144 -8.23 -17.72 -2.32
C ASP A 144 -8.13 -16.47 -1.41
N LYS A 145 -9.20 -16.07 -0.72
CA LYS A 145 -9.07 -14.95 0.22
C LYS A 145 -8.00 -15.35 1.24
N LYS A 146 -8.03 -16.61 1.69
CA LYS A 146 -7.11 -17.06 2.74
C LYS A 146 -5.66 -17.03 2.33
N ARG A 147 -5.34 -17.55 1.14
CA ARG A 147 -3.95 -17.60 0.64
C ARG A 147 -3.51 -16.16 0.35
N ILE A 148 -4.41 -15.30 -0.14
CA ILE A 148 -4.04 -13.91 -0.40
C ILE A 148 -3.71 -13.21 0.92
N ILE A 149 -4.56 -13.42 1.92
CA ILE A 149 -4.36 -12.85 3.25
C ILE A 149 -3.02 -13.30 3.80
N ASP A 150 -2.71 -14.59 3.66
CA ASP A 150 -1.44 -15.08 4.15
C ASP A 150 -0.23 -14.48 3.44
N SER A 151 -0.37 -14.23 2.14
CA SER A 151 0.69 -13.61 1.38
C SER A 151 0.95 -12.19 1.89
N ALA A 152 -0.13 -11.45 2.17
CA ALA A 152 0.02 -10.11 2.77
C ALA A 152 0.75 -10.19 4.09
N ARG A 153 0.25 -11.08 4.96
CA ARG A 153 0.82 -11.29 6.31
C ARG A 153 2.31 -11.63 6.21
N SER A 154 2.69 -12.54 5.32
CA SER A 154 4.07 -13.00 5.23
C SER A 154 5.00 -11.85 4.82
N ALA A 155 4.56 -11.04 3.86
CA ALA A 155 5.36 -9.92 3.39
C ALA A 155 5.54 -8.89 4.49
N TYR A 156 4.44 -8.51 5.13
CA TYR A 156 4.45 -7.55 6.26
C TYR A 156 5.36 -8.08 7.38
N GLN A 157 5.24 -9.38 7.69
CA GLN A 157 6.01 -9.95 8.79
C GLN A 157 7.50 -9.88 8.52
N GLU A 158 7.92 -10.24 7.30
CA GLU A 158 9.33 -10.17 6.93
C GLU A 158 9.85 -8.75 7.03
N ALA A 159 9.05 -7.80 6.52
CA ALA A 159 9.36 -6.39 6.63
C ALA A 159 9.52 -5.96 8.08
N MET A 160 8.60 -6.41 8.93
CA MET A 160 8.61 -6.06 10.36
C MET A 160 9.89 -6.60 10.98
N ASP A 161 10.19 -7.88 10.72
CA ASP A 161 11.37 -8.50 11.32
C ASP A 161 12.66 -7.71 10.97
N ILE A 162 12.81 -7.31 9.70
CA ILE A 162 13.97 -6.56 9.27
C ILE A 162 13.97 -5.18 9.92
N SER A 163 12.80 -4.52 9.93
CA SER A 163 12.69 -3.16 10.43
C SER A 163 13.10 -3.09 11.91
N LYS A 164 12.67 -4.08 12.69
CA LYS A 164 12.98 -4.09 14.12
C LYS A 164 14.46 -4.31 14.40
N LYS A 165 15.12 -5.07 13.52
CA LYS A 165 16.55 -5.36 13.62
C LYS A 165 17.43 -4.19 13.16
N GLU A 166 16.99 -3.48 12.12
CA GLU A 166 17.85 -2.59 11.32
C GLU A 166 17.55 -1.11 11.35
N MET A 167 16.36 -0.72 11.84
CA MET A 167 15.95 0.67 11.83
C MET A 167 15.53 1.13 13.22
N PRO A 168 15.76 2.42 13.56
CA PRO A 168 15.30 2.93 14.85
C PRO A 168 13.78 3.02 14.86
N PRO A 169 13.16 3.07 16.06
CA PRO A 169 11.71 3.07 16.16
C PRO A 169 11.04 4.30 15.52
N THR A 170 11.78 5.38 15.26
CA THR A 170 11.20 6.54 14.65
C THR A 170 11.33 6.57 13.11
N ASN A 171 12.00 5.56 12.54
CA ASN A 171 12.24 5.58 11.12
C ASN A 171 10.90 5.63 10.39
N PRO A 172 10.64 6.60 9.49
CA PRO A 172 9.34 6.71 8.85
C PRO A 172 8.89 5.44 8.10
N ILE A 173 9.85 4.71 7.52
CA ILE A 173 9.50 3.46 6.83
C ILE A 173 9.00 2.46 7.85
N ARG A 174 9.74 2.30 8.96
CA ARG A 174 9.31 1.38 10.04
C ARG A 174 7.93 1.82 10.56
N LEU A 175 7.70 3.11 10.79
CA LEU A 175 6.43 3.60 11.25
C LEU A 175 5.29 3.32 10.27
N GLY A 176 5.53 3.58 8.99
CA GLY A 176 4.49 3.40 7.99
C GLY A 176 4.12 1.95 7.79
N LEU A 177 5.13 1.09 7.81
CA LEU A 177 4.95 -0.34 7.79
C LEU A 177 4.05 -0.77 8.93
N ALA A 178 4.39 -0.35 10.15
CA ALA A 178 3.60 -0.75 11.32
C ALA A 178 2.15 -0.25 11.25
N LEU A 179 1.98 1.01 10.82
CA LEU A 179 0.66 1.57 10.61
C LEU A 179 -0.17 0.67 9.71
N ASN A 180 0.39 0.32 8.57
CA ASN A 180 -0.35 -0.46 7.58
C ASN A 180 -0.57 -1.90 8.02
N PHE A 181 0.42 -2.50 8.68
CA PHE A 181 0.27 -3.89 9.14
C PHE A 181 -0.80 -3.92 10.22
N SER A 182 -0.86 -2.85 11.04
CA SER A 182 -1.90 -2.71 12.04
C SER A 182 -3.28 -2.67 11.40
N VAL A 183 -3.42 -1.90 10.30
CA VAL A 183 -4.67 -1.85 9.56
C VAL A 183 -5.02 -3.22 8.96
N PHE A 184 -4.00 -3.90 8.43
CA PHE A 184 -4.15 -5.29 7.93
C PHE A 184 -4.79 -6.13 9.04
N HIS A 185 -4.25 -6.06 10.26
CA HIS A 185 -4.78 -6.88 11.32
C HIS A 185 -6.25 -6.54 11.60
N TYR A 186 -6.58 -5.24 11.63
CA TYR A 186 -7.93 -4.77 12.02
C TYR A 186 -8.94 -5.11 10.94
N GLU A 187 -8.61 -4.78 9.69
CA GLU A 187 -9.58 -4.77 8.61
C GLU A 187 -9.63 -6.06 7.80
N ILE A 188 -8.51 -6.79 7.74
CA ILE A 188 -8.38 -7.96 6.89
C ILE A 188 -8.33 -9.27 7.68
N ALA A 189 -7.50 -9.30 8.74
CA ALA A 189 -7.27 -10.54 9.48
C ALA A 189 -8.21 -10.76 10.65
N ASN A 190 -9.17 -9.85 10.86
CA ASN A 190 -10.09 -9.92 11.99
C ASN A 190 -9.35 -10.12 13.31
N SER A 191 -8.29 -9.34 13.48
CA SER A 191 -7.41 -9.40 14.65
C SER A 191 -7.33 -8.02 15.28
N PRO A 192 -8.45 -7.42 15.75
CA PRO A 192 -8.42 -6.05 16.25
C PRO A 192 -7.47 -5.89 17.44
N GLU A 193 -7.33 -6.90 18.30
CA GLU A 193 -6.43 -6.73 19.42
C GLU A 193 -4.99 -6.63 18.96
N GLU A 194 -4.62 -7.41 17.94
CA GLU A 194 -3.28 -7.34 17.41
C GLU A 194 -3.03 -5.96 16.78
N ALA A 195 -4.04 -5.46 16.06
CA ALA A 195 -4.00 -4.13 15.45
C ALA A 195 -3.74 -3.01 16.46
N ILE A 196 -4.48 -3.05 17.57
CA ILE A 196 -4.39 -2.03 18.62
C ILE A 196 -3.05 -2.17 19.34
N SER A 197 -2.65 -3.39 19.67
CA SER A 197 -1.37 -3.66 20.32
C SER A 197 -0.21 -3.15 19.48
N LEU A 198 -0.24 -3.45 18.18
CA LEU A 198 0.85 -3.01 17.31
C LEU A 198 0.90 -1.49 17.19
N ALA A 199 -0.25 -0.85 17.02
CA ALA A 199 -0.28 0.60 16.89
C ALA A 199 0.25 1.27 18.16
N LYS A 200 -0.18 0.77 19.31
CA LYS A 200 0.22 1.34 20.60
C LYS A 200 1.70 1.14 20.88
N THR A 201 2.22 -0.09 20.72
CA THR A 201 3.65 -0.34 20.96
C THR A 201 4.52 0.49 20.00
N THR A 202 4.10 0.56 18.73
CA THR A 202 4.85 1.34 17.76
C THR A 202 4.88 2.80 18.17
N PHE A 203 3.72 3.34 18.54
CA PHE A 203 3.61 4.75 18.96
C PHE A 203 4.53 5.02 20.16
N ASP A 204 4.43 4.18 21.18
CA ASP A 204 5.15 4.40 22.43
C ASP A 204 6.66 4.29 22.23
N GLU A 205 7.11 3.32 21.42
CA GLU A 205 8.54 3.17 21.18
C GLU A 205 9.09 4.31 20.35
N ALA A 206 8.26 4.84 19.46
CA ALA A 206 8.68 6.00 18.69
C ALA A 206 8.79 7.23 19.58
N MET A 207 7.77 7.44 20.42
CA MET A 207 7.79 8.59 21.34
C MET A 207 9.10 8.66 22.08
N ALA A 208 9.55 7.50 22.58
CA ALA A 208 10.73 7.40 23.41
C ALA A 208 12.04 7.65 22.67
N ASP A 209 11.98 7.67 21.33
CA ASP A 209 13.15 7.84 20.49
C ASP A 209 13.18 9.23 19.81
N LEU A 210 12.13 10.03 20.00
CA LEU A 210 12.02 11.33 19.34
C LEU A 210 13.16 12.26 19.75
N HIS A 211 13.67 12.09 20.96
CA HIS A 211 14.73 12.95 21.50
C HIS A 211 16.01 12.92 20.69
N THR A 212 16.19 11.86 19.89
CA THR A 212 17.40 11.67 19.08
C THR A 212 17.35 12.40 17.75
N LEU A 213 16.18 12.95 17.41
CA LEU A 213 15.90 13.51 16.08
C LEU A 213 16.13 15.00 15.93
N SER A 214 16.54 15.39 14.72
CA SER A 214 16.51 16.77 14.27
C SER A 214 15.07 17.25 14.13
N GLU A 215 14.91 18.57 13.95
CA GLU A 215 13.59 19.14 13.79
C GLU A 215 12.88 18.54 12.57
N ASP A 216 13.63 18.35 11.48
CA ASP A 216 13.03 17.84 10.24
C ASP A 216 12.63 16.36 10.36
N SER A 217 13.49 15.56 10.98
CA SER A 217 13.20 14.13 11.18
C SER A 217 12.02 14.00 12.13
N TYR A 218 12.03 14.83 13.16
CA TYR A 218 10.91 14.93 14.13
C TYR A 218 9.59 15.16 13.40
N LYS A 219 9.54 16.13 12.47
CA LYS A 219 8.32 16.42 11.75
C LYS A 219 7.83 15.19 10.98
N ASP A 220 8.76 14.51 10.29
CA ASP A 220 8.43 13.33 9.49
C ASP A 220 7.86 12.20 10.35
N SER A 221 8.55 11.90 11.46
CA SER A 221 8.15 10.82 12.36
C SER A 221 6.83 11.12 13.06
N THR A 222 6.67 12.34 13.59
CA THR A 222 5.47 12.66 14.32
C THR A 222 4.22 12.67 13.42
N LEU A 223 4.39 12.99 12.14
CA LEU A 223 3.28 12.94 11.19
C LEU A 223 2.65 11.53 11.17
N ILE A 224 3.51 10.53 11.07
CA ILE A 224 3.04 9.13 11.01
C ILE A 224 2.56 8.68 12.38
N MET A 225 3.23 9.13 13.45
CA MET A 225 2.73 8.80 14.78
C MET A 225 1.30 9.31 15.00
N GLN A 226 0.98 10.48 14.45
CA GLN A 226 -0.36 11.01 14.55
C GLN A 226 -1.38 10.10 13.87
N LEU A 227 -0.98 9.50 12.74
CA LEU A 227 -1.82 8.52 12.06
C LEU A 227 -2.06 7.29 12.93
N LEU A 228 -1.01 6.79 13.62
CA LEU A 228 -1.21 5.72 14.56
C LEU A 228 -2.23 6.10 15.62
N ARG A 229 -2.09 7.31 16.18
CA ARG A 229 -3.00 7.82 17.23
C ARG A 229 -4.42 7.94 16.66
N ASP A 230 -4.55 8.42 15.42
CA ASP A 230 -5.85 8.58 14.77
C ASP A 230 -6.53 7.21 14.72
N ASN A 231 -5.79 6.19 14.28
CA ASN A 231 -6.37 4.86 14.20
C ASN A 231 -6.77 4.32 15.55
N LEU A 232 -5.91 4.48 16.56
CA LEU A 232 -6.23 4.04 17.91
C LEU A 232 -7.48 4.71 18.43
N THR A 233 -7.66 5.99 18.08
CA THR A 233 -8.85 6.75 18.48
C THR A 233 -10.11 6.19 17.83
N LEU A 234 -9.98 5.77 16.57
CA LEU A 234 -11.05 5.15 15.82
C LEU A 234 -11.45 3.80 16.44
N TRP A 235 -10.47 3.07 16.98
CA TRP A 235 -10.66 1.70 17.41
C TRP A 235 -10.93 1.47 18.90
N THR A 236 -10.79 2.52 19.70
CA THR A 236 -10.85 2.41 21.17
C THR A 236 -11.70 3.52 21.77
N PHE B 1 -12.98 4.69 7.96
CA PHE B 1 -11.81 3.97 7.35
C PHE B 1 -10.49 4.45 7.98
N PRO B 2 -9.59 3.52 8.34
CA PRO B 2 -8.34 3.89 9.03
C PRO B 2 -7.24 4.40 8.08
N ALA B 3 -6.28 5.14 8.65
CA ALA B 3 -5.22 5.73 7.89
C ALA B 3 -4.13 4.70 7.54
N TPO B 4 -3.67 4.75 6.30
CA TPO B 4 -2.49 4.03 5.78
CB TPO B 4 -2.90 2.79 4.96
CG2 TPO B 4 -3.59 1.75 5.81
OG1 TPO B 4 -3.83 3.27 3.94
P TPO B 4 -4.24 2.34 2.69
O1P TPO B 4 -4.75 3.41 1.69
O2P TPO B 4 -5.34 1.44 3.21
O3P TPO B 4 -3.05 1.61 2.23
C TPO B 4 -1.62 4.96 4.95
O TPO B 4 -2.15 6.01 4.47
N VAL B 5 -0.37 4.61 4.78
CA VAL B 5 0.57 5.38 3.98
C VAL B 5 1.27 4.58 2.90
MG MG C . 4.94 -9.04 17.26
MG MG D . 19.86 4.48 -21.41
MG MG E . -14.10 -10.95 -9.61
C1 O5I F . 12.22 6.48 1.49
C2 O5I F . 12.91 6.37 0.15
N3 O5I F . 4.83 8.48 3.16
C4 O5I F . 9.64 8.35 2.93
C5 O5I F . 9.51 8.69 4.41
C7 O5I F . 6.27 9.87 4.70
C8 O5I F . 4.91 9.70 4.01
C9 O5I F . 5.34 7.20 3.48
C10 O5I F . 5.34 6.21 2.50
C11 O5I F . 5.84 4.94 2.77
C12 O5I F . 6.32 4.66 4.02
C13 O5I F . 6.32 5.61 5.01
C14 O5I F . 5.84 6.88 4.75
C15 O5I F . 4.54 10.97 3.21
C16 O5I F . 3.08 11.28 3.48
C17 O5I F . 2.57 10.17 4.38
C18 O5I F . 3.79 9.64 5.08
C19 O5I F . 7.56 9.75 2.51
O1 O5I F . 12.92 6.42 2.50
N1 O5I F . 10.91 6.70 1.54
C3 O5I F . 10.18 6.93 2.78
C6 O5I F . 8.72 9.95 4.65
N2 O5I F . 7.41 9.86 3.97
O2 O5I F . 6.31 9.99 5.93
CL2 O5I F . 6.95 3.06 4.37
C20 O5I F . 8.33 8.49 2.15
#